data_5JIW
#
_entry.id   5JIW
#
_cell.length_a   157.600
_cell.length_b   157.600
_cell.length_c   112.760
_cell.angle_alpha   90.00
_cell.angle_beta   90.00
_cell.angle_gamma   90.00
#
_symmetry.space_group_name_H-M   'I 4 2 2'
#
loop_
_entity.id
_entity.type
_entity.pdbx_description
1 polymer 4-alpha-glucanotransferase
2 branched alpha-D-glucopyranose-(1-4)-alpha-D-glucopyranose-(1-4)-alpha-D-glucopyranose-(1-4)-alpha-D-glucopyranose-(1-4)-alpha-D-glucopyranose-(1-4)-alpha-D-glucopyranose-(1-4)-alpha-D-glucopyranose-(1-4)-alpha-D-glucopyranose-(1-4)-alpha-D-glucopyranose-(1-4)-alpha-D-glucopyranose-(1-4)-alpha-D-glucopyranose-(1-4)-alpha-D-glucopyranose-(1-4)-alpha-D-glucopyranose-(1-4)-alpha-D-glucopyranose-(1-4)-alpha-D-glucopyranose-(1-4)-alpha-D-glucopyranose-(1-4)-beta-D-glucopyranose
3 non-polymer 1,2-ETHANEDIOL
4 non-polymer 'CARBONATE ION'
5 water water
#
_entity_poly.entity_id   1
_entity_poly.type   'polypeptide(L)'
_entity_poly.pdbx_seq_one_letter_code
;MELPRAFGLLLHPTSLPGPYGVGVLGREARDFLRFLKEAGGRYWQVLPLGPTGYGDSPYQSFSAFAGNPYLIDLRPLAER
GYVRLEDPGFPQGRVDYGLLYAWKWPALKEAFRGFKEKASPEEREAFAAFREREAWWLEDYALFMALKGAHGGLPWNRWP
LPLRKREEKALREAKSALAEEVAFHAFTQWLFFRQWGALKAEAEALGIRIIGDMPIFVAEDSAEVWAHPEWFHLDEEGRP
TVVAGVPPDYFSETGQRWGNPLYRWDVLEREGFSFWIRRLEKALELFHLVRIAHFRGFEAYWEIPASCPTAVEGRWVKAP
GEKLFQKIQEVFGEVPVLAEDLGVITPEVEALRDRFGLPGMKVLQFAFD(SNN)GMENPFLPHNYPAHGRVVVYTGTHNN
DTTLGWYRTATPHEKAFMARYLADWGITFREEEEVPWALMHLGMKSVARLAVYPVQDVLALGSEARMNYPGRPSGNWAWR
LLPGELSPEHGARLRAMAEATERL
;
_entity_poly.pdbx_strand_id   A
#
# COMPACT_ATOMS: atom_id res chain seq x y z
N MET A 1 20.10 -5.92 5.41
CA MET A 1 19.11 -7.01 5.21
C MET A 1 19.65 -8.08 4.27
N GLU A 2 20.31 -7.65 3.20
CA GLU A 2 20.78 -8.55 2.15
C GLU A 2 19.62 -9.35 1.57
N LEU A 3 19.23 -9.01 0.36
CA LEU A 3 18.18 -9.71 -0.35
C LEU A 3 18.76 -10.88 -1.14
N PRO A 4 18.11 -12.03 -1.20
CA PRO A 4 18.55 -13.08 -2.11
C PRO A 4 18.17 -12.70 -3.53
N ARG A 5 18.82 -13.33 -4.50
CA ARG A 5 18.43 -13.12 -5.90
C ARG A 5 17.18 -13.94 -6.21
N ALA A 6 16.07 -13.26 -6.53
CA ALA A 6 14.74 -13.87 -6.54
C ALA A 6 13.79 -13.02 -7.36
N PHE A 7 12.53 -13.47 -7.46
CA PHE A 7 11.48 -12.66 -8.08
C PHE A 7 10.21 -12.78 -7.26
N GLY A 8 9.30 -11.84 -7.51
CA GLY A 8 7.99 -11.87 -6.90
C GLY A 8 6.97 -11.17 -7.77
N LEU A 9 5.74 -11.08 -7.26
CA LEU A 9 4.64 -10.46 -8.00
C LEU A 9 3.93 -9.43 -7.14
N LEU A 10 3.45 -8.38 -7.80
CA LEU A 10 2.67 -7.32 -7.20
C LEU A 10 1.19 -7.55 -7.46
N LEU A 11 0.42 -7.76 -6.40
CA LEU A 11 -1.03 -7.97 -6.51
C LEU A 11 -1.68 -7.47 -5.23
N HIS A 12 -2.43 -6.38 -5.32
CA HIS A 12 -3.17 -5.92 -4.16
C HIS A 12 -4.34 -6.89 -3.88
N PRO A 13 -4.66 -7.18 -2.61
CA PRO A 13 -5.67 -8.22 -2.35
C PRO A 13 -7.04 -7.92 -2.93
N THR A 14 -7.40 -6.64 -3.15
CA THR A 14 -8.70 -6.33 -3.76
C THR A 14 -8.80 -6.93 -5.15
N SER A 15 -7.66 -7.12 -5.83
CA SER A 15 -7.64 -7.64 -7.18
C SER A 15 -7.80 -9.14 -7.26
N LEU A 16 -7.83 -9.85 -6.14
CA LEU A 16 -8.07 -11.29 -6.18
C LEU A 16 -9.46 -11.59 -6.74
N PRO A 17 -9.62 -12.72 -7.42
CA PRO A 17 -10.95 -13.11 -7.90
C PRO A 17 -11.79 -13.67 -6.76
N GLY A 18 -13.08 -13.84 -7.02
CA GLY A 18 -13.97 -14.44 -6.06
C GLY A 18 -15.29 -13.71 -5.95
N PRO A 19 -16.23 -14.29 -5.21
CA PRO A 19 -17.57 -13.73 -5.12
C PRO A 19 -17.64 -12.50 -4.22
N TYR A 20 -18.77 -11.80 -4.33
CA TYR A 20 -19.19 -10.72 -3.44
C TYR A 20 -18.40 -9.42 -3.64
N GLY A 21 -17.81 -9.22 -4.82
CA GLY A 21 -17.51 -7.89 -5.31
C GLY A 21 -16.10 -7.38 -5.09
N VAL A 22 -15.26 -8.06 -4.31
CA VAL A 22 -13.91 -7.59 -4.04
C VAL A 22 -13.05 -8.77 -3.60
N GLY A 23 -11.77 -8.71 -3.93
CA GLY A 23 -10.84 -9.69 -3.38
C GLY A 23 -10.75 -9.59 -1.88
N VAL A 24 -10.66 -10.75 -1.21
CA VAL A 24 -10.64 -10.83 0.25
C VAL A 24 -9.56 -11.80 0.71
N LEU A 25 -9.37 -11.88 2.03
CA LEU A 25 -8.32 -12.68 2.63
C LEU A 25 -8.82 -14.10 2.88
N GLY A 26 -8.93 -14.86 1.79
CA GLY A 26 -9.54 -16.18 1.82
C GLY A 26 -8.92 -17.17 0.84
N ARG A 27 -9.75 -18.11 0.37
CA ARG A 27 -9.24 -19.26 -0.37
C ARG A 27 -8.55 -18.85 -1.65
N GLU A 28 -9.04 -17.80 -2.32
CA GLU A 28 -8.39 -17.33 -3.54
C GLU A 28 -7.04 -16.69 -3.25
N ALA A 29 -6.90 -16.05 -2.09
CA ALA A 29 -5.58 -15.57 -1.68
C ALA A 29 -4.62 -16.73 -1.47
N ARG A 30 -5.07 -17.81 -0.83
CA ARG A 30 -4.22 -18.98 -0.67
C ARG A 30 -3.87 -19.59 -2.03
N ASP A 31 -4.85 -19.64 -2.94
CA ASP A 31 -4.60 -20.12 -4.30
C ASP A 31 -3.50 -19.30 -4.99
N PHE A 32 -3.50 -17.98 -4.79
CA PHE A 32 -2.48 -17.15 -5.41
C PHE A 32 -1.10 -17.43 -4.82
N LEU A 33 -1.04 -17.64 -3.51
CA LEU A 33 0.24 -17.99 -2.90
C LEU A 33 0.76 -19.32 -3.41
N ARG A 34 -0.14 -20.30 -3.59
CA ARG A 34 0.26 -21.58 -4.16
C ARG A 34 0.75 -21.40 -5.60
N PHE A 35 0.04 -20.60 -6.39
CA PHE A 35 0.52 -20.26 -7.73
C PHE A 35 1.91 -19.65 -7.67
N LEU A 36 2.11 -18.68 -6.79
CA LEU A 36 3.41 -18.02 -6.67
C LEU A 36 4.49 -19.02 -6.28
N LYS A 37 4.20 -19.91 -5.33
CA LYS A 37 5.13 -20.96 -4.94
C LYS A 37 5.47 -21.85 -6.12
N GLU A 38 4.45 -22.31 -6.86
CA GLU A 38 4.69 -23.21 -7.98
C GLU A 38 5.50 -22.52 -9.10
N ALA A 39 5.41 -21.19 -9.19
CA ALA A 39 6.16 -20.43 -10.18
C ALA A 39 7.60 -20.15 -9.74
N GLY A 40 7.97 -20.54 -8.53
CA GLY A 40 9.30 -20.24 -8.02
C GLY A 40 9.43 -18.86 -7.41
N GLY A 41 8.32 -18.13 -7.26
CA GLY A 41 8.39 -16.80 -6.68
C GLY A 41 8.57 -16.86 -5.18
N ARG A 42 9.22 -15.82 -4.64
CA ARG A 42 9.52 -15.78 -3.21
C ARG A 42 9.02 -14.52 -2.52
N TYR A 43 8.38 -13.60 -3.26
CA TYR A 43 7.88 -12.35 -2.70
C TYR A 43 6.50 -12.03 -3.26
N TRP A 44 5.63 -11.55 -2.38
CA TRP A 44 4.32 -11.01 -2.72
C TRP A 44 4.25 -9.57 -2.21
N GLN A 45 4.07 -8.62 -3.12
CA GLN A 45 3.95 -7.21 -2.76
C GLN A 45 2.51 -6.75 -2.85
N VAL A 46 2.08 -5.98 -1.85
CA VAL A 46 0.74 -5.39 -1.79
C VAL A 46 0.88 -3.87 -1.64
N LEU A 47 -0.24 -3.17 -1.80
CA LEU A 47 -0.34 -1.76 -1.48
C LEU A 47 -0.76 -1.59 -0.01
N PRO A 48 -0.80 -0.36 0.51
CA PRO A 48 -1.19 -0.20 1.92
C PRO A 48 -2.54 -0.85 2.21
N LEU A 49 -2.67 -1.42 3.41
CA LEU A 49 -3.83 -2.24 3.75
C LEU A 49 -4.82 -1.56 4.71
N GLY A 50 -4.77 -0.24 4.85
CA GLY A 50 -5.65 0.45 5.79
C GLY A 50 -7.04 0.70 5.25
N PRO A 51 -7.94 1.13 6.13
CA PRO A 51 -9.30 1.47 5.69
C PRO A 51 -9.30 2.72 4.82
N THR A 52 -10.12 2.69 3.77
CA THR A 52 -10.11 3.73 2.77
C THR A 52 -11.37 4.58 2.83
N GLY A 53 -11.27 5.77 2.24
CA GLY A 53 -12.37 6.73 2.20
C GLY A 53 -12.77 7.13 0.80
N TYR A 54 -13.17 8.38 0.61
CA TYR A 54 -13.65 8.83 -0.69
C TYR A 54 -12.51 8.78 -1.71
N GLY A 55 -12.79 8.14 -2.85
CA GLY A 55 -11.76 7.88 -3.85
C GLY A 55 -11.11 6.52 -3.75
N ASP A 56 -11.18 5.86 -2.59
CA ASP A 56 -10.80 4.47 -2.43
C ASP A 56 -9.31 4.24 -2.49
N SER A 57 -8.51 5.30 -2.34
CA SER A 57 -7.06 5.15 -2.45
C SER A 57 -6.47 4.50 -1.21
N PRO A 58 -5.63 3.47 -1.37
CA PRO A 58 -4.91 2.93 -0.20
C PRO A 58 -3.97 3.94 0.45
N TYR A 59 -3.59 5.01 -0.24
CA TYR A 59 -2.58 5.93 0.28
C TYR A 59 -3.20 7.10 1.05
N GLN A 60 -4.53 7.06 1.30
CA GLN A 60 -5.22 8.06 2.15
C GLN A 60 -6.15 7.29 3.09
N SER A 61 -5.60 6.81 4.21
CA SER A 61 -6.29 5.91 5.11
C SER A 61 -6.83 6.63 6.35
N PHE A 62 -7.97 6.15 6.85
CA PHE A 62 -8.52 6.65 8.12
C PHE A 62 -7.65 6.31 9.32
N SER A 63 -6.60 5.50 9.16
CA SER A 63 -5.76 5.17 10.30
C SER A 63 -4.42 4.61 9.83
N ALA A 64 -3.36 4.97 10.55
CA ALA A 64 -2.04 4.43 10.28
C ALA A 64 -1.82 3.05 10.87
N PHE A 65 -2.77 2.53 11.65
CA PHE A 65 -2.65 1.24 12.30
C PHE A 65 -3.71 0.23 11.88
N ALA A 66 -4.91 0.68 11.51
CA ALA A 66 -6.04 -0.20 11.26
C ALA A 66 -5.92 -0.92 9.92
N GLY A 67 -6.72 -1.97 9.77
CA GLY A 67 -6.80 -2.70 8.52
C GLY A 67 -8.12 -2.48 7.80
N ASN A 68 -8.14 -2.80 6.51
CA ASN A 68 -9.26 -2.48 5.61
C ASN A 68 -10.41 -3.48 5.76
N PRO A 69 -11.57 -3.06 6.28
CA PRO A 69 -12.68 -4.03 6.41
C PRO A 69 -13.20 -4.57 5.09
N TYR A 70 -12.96 -3.89 3.97
CA TYR A 70 -13.41 -4.41 2.69
C TYR A 70 -12.67 -5.69 2.31
N LEU A 71 -11.53 -5.97 2.93
CA LEU A 71 -10.76 -7.19 2.63
C LEU A 71 -11.21 -8.39 3.46
N ILE A 72 -12.17 -8.23 4.36
CA ILE A 72 -12.64 -9.33 5.20
C ILE A 72 -13.44 -10.31 4.34
N ASP A 73 -13.11 -11.60 4.46
CA ASP A 73 -13.86 -12.66 3.79
C ASP A 73 -15.13 -12.95 4.59
N LEU A 74 -16.28 -12.77 3.96
CA LEU A 74 -17.54 -13.02 4.66
C LEU A 74 -17.94 -14.49 4.68
N ARG A 75 -17.38 -15.29 3.77
CA ARG A 75 -17.80 -16.69 3.66
C ARG A 75 -17.58 -17.48 4.95
N PRO A 76 -16.42 -17.43 5.62
CA PRO A 76 -16.30 -18.12 6.90
C PRO A 76 -17.36 -17.69 7.91
N LEU A 77 -17.78 -16.43 7.87
CA LEU A 77 -18.81 -15.95 8.77
C LEU A 77 -20.18 -16.53 8.41
N ALA A 78 -20.42 -16.75 7.12
CA ALA A 78 -21.68 -17.36 6.69
C ALA A 78 -21.69 -18.86 6.93
N GLU A 79 -20.53 -19.52 6.73
CA GLU A 79 -20.43 -20.94 7.03
C GLU A 79 -20.68 -21.22 8.51
N ARG A 80 -20.50 -20.23 9.38
CA ARG A 80 -20.79 -20.37 10.80
C ARG A 80 -22.12 -19.75 11.20
N GLY A 81 -22.90 -19.25 10.22
CA GLY A 81 -24.26 -18.82 10.47
C GLY A 81 -24.43 -17.42 10.99
N TYR A 82 -23.42 -16.56 10.88
CA TYR A 82 -23.54 -15.20 11.40
C TYR A 82 -24.28 -14.27 10.46
N VAL A 83 -24.39 -14.61 9.17
CA VAL A 83 -24.94 -13.68 8.18
C VAL A 83 -25.38 -14.48 6.97
N ARG A 84 -26.39 -13.96 6.27
CA ARG A 84 -26.79 -14.49 4.96
C ARG A 84 -26.32 -13.54 3.86
N LEU A 85 -25.74 -14.12 2.81
CA LEU A 85 -25.15 -13.35 1.71
C LEU A 85 -25.92 -13.59 0.42
N GLU A 86 -26.16 -12.51 -0.32
CA GLU A 86 -26.76 -12.59 -1.64
C GLU A 86 -26.21 -11.45 -2.49
N ASP A 87 -25.64 -11.79 -3.65
CA ASP A 87 -24.99 -10.82 -4.50
C ASP A 87 -25.98 -9.75 -4.96
N PRO A 88 -25.73 -8.47 -4.70
CA PRO A 88 -26.66 -7.43 -5.16
C PRO A 88 -26.53 -7.07 -6.63
N GLY A 89 -25.49 -7.53 -7.32
CA GLY A 89 -25.29 -7.21 -8.72
C GLY A 89 -23.90 -6.69 -8.99
N PHE A 90 -22.89 -7.26 -8.32
CA PHE A 90 -21.52 -6.85 -8.55
C PHE A 90 -21.05 -7.28 -9.94
N PRO A 91 -20.25 -6.46 -10.61
CA PRO A 91 -19.48 -6.99 -11.74
C PRO A 91 -18.40 -7.93 -11.24
N GLN A 92 -17.88 -8.74 -12.15
CA GLN A 92 -16.66 -9.49 -11.91
C GLN A 92 -15.56 -8.91 -12.78
N GLY A 93 -14.34 -8.92 -12.27
CA GLY A 93 -13.24 -8.26 -12.93
C GLY A 93 -13.07 -6.81 -12.56
N ARG A 94 -13.93 -6.26 -11.69
CA ARG A 94 -13.80 -4.86 -11.29
CA ARG A 94 -13.84 -4.85 -11.31
C ARG A 94 -14.55 -4.63 -9.99
N VAL A 95 -13.88 -3.95 -9.05
CA VAL A 95 -14.52 -3.54 -7.80
C VAL A 95 -15.44 -2.35 -8.08
N ASP A 96 -16.71 -2.45 -7.66
CA ASP A 96 -17.62 -1.32 -7.65
C ASP A 96 -17.63 -0.79 -6.22
N TYR A 97 -16.83 0.26 -5.95
CA TYR A 97 -16.66 0.72 -4.58
C TYR A 97 -17.91 1.39 -4.04
N GLY A 98 -18.72 1.99 -4.91
CA GLY A 98 -19.98 2.56 -4.46
C GLY A 98 -20.94 1.49 -3.98
N LEU A 99 -21.06 0.40 -4.74
CA LEU A 99 -21.89 -0.72 -4.32
C LEU A 99 -21.29 -1.41 -3.10
N LEU A 100 -19.95 -1.45 -3.02
CA LEU A 100 -19.31 -2.08 -1.87
C LEU A 100 -19.58 -1.29 -0.59
N TYR A 101 -19.54 0.03 -0.68
CA TYR A 101 -19.82 0.87 0.49
C TYR A 101 -21.26 0.69 0.95
N ALA A 102 -22.19 0.53 0.00
CA ALA A 102 -23.60 0.43 0.36
C ALA A 102 -23.98 -0.95 0.86
N TRP A 103 -23.30 -1.99 0.39
CA TRP A 103 -23.70 -3.37 0.68
C TRP A 103 -22.85 -4.06 1.74
N LYS A 104 -21.53 -3.86 1.73
CA LYS A 104 -20.66 -4.64 2.59
C LYS A 104 -20.68 -4.14 4.03
N TRP A 105 -20.85 -2.85 4.26
CA TRP A 105 -20.95 -2.38 5.64
C TRP A 105 -22.18 -2.97 6.32
N PRO A 106 -23.38 -2.91 5.73
CA PRO A 106 -24.52 -3.62 6.35
C PRO A 106 -24.26 -5.09 6.56
N ALA A 107 -23.59 -5.75 5.62
CA ALA A 107 -23.32 -7.18 5.74
C ALA A 107 -22.43 -7.47 6.94
N LEU A 108 -21.38 -6.68 7.13
CA LEU A 108 -20.50 -6.86 8.30
C LEU A 108 -21.27 -6.64 9.60
N LYS A 109 -22.19 -5.67 9.62
CA LYS A 109 -22.98 -5.41 10.82
C LYS A 109 -23.86 -6.59 11.18
N GLU A 110 -24.49 -7.21 10.18
CA GLU A 110 -25.32 -8.38 10.45
C GLU A 110 -24.46 -9.53 10.97
N ALA A 111 -23.30 -9.73 10.37
CA ALA A 111 -22.39 -10.77 10.86
C ALA A 111 -22.01 -10.51 12.31
N PHE A 112 -21.87 -9.24 12.69
CA PHE A 112 -21.54 -8.92 14.08
C PHE A 112 -22.71 -9.24 15.00
N ARG A 113 -23.92 -8.84 14.62
CA ARG A 113 -25.09 -9.18 15.41
C ARG A 113 -25.27 -10.69 15.50
N GLY A 114 -25.15 -11.39 14.37
CA GLY A 114 -25.19 -12.83 14.41
C GLY A 114 -24.07 -13.43 15.23
N PHE A 115 -22.88 -12.83 15.17
CA PHE A 115 -21.76 -13.28 15.98
C PHE A 115 -22.12 -13.21 17.47
N LYS A 116 -22.54 -12.05 17.94
CA LYS A 116 -22.89 -11.88 19.35
C LYS A 116 -23.96 -12.86 19.80
N GLU A 117 -24.72 -13.42 18.87
CA GLU A 117 -25.81 -14.34 19.18
C GLU A 117 -25.38 -15.81 19.17
N LYS A 118 -24.27 -16.14 18.49
CA LYS A 118 -23.90 -17.54 18.31
C LYS A 118 -22.40 -17.77 18.28
N ALA A 119 -21.58 -16.80 18.72
CA ALA A 119 -20.14 -16.87 18.47
C ALA A 119 -19.47 -18.02 19.19
N SER A 120 -20.01 -18.45 20.34
CA SER A 120 -19.40 -19.44 21.22
C SER A 120 -18.43 -18.74 22.16
N PRO A 121 -18.38 -19.11 23.44
CA PRO A 121 -17.48 -18.41 24.37
C PRO A 121 -16.02 -18.40 23.94
N GLU A 122 -15.58 -19.41 23.17
CA GLU A 122 -14.17 -19.47 22.78
C GLU A 122 -13.84 -18.39 21.76
N GLU A 123 -14.69 -18.21 20.75
CA GLU A 123 -14.49 -17.14 19.79
C GLU A 123 -14.66 -15.77 20.44
N ARG A 124 -15.59 -15.65 21.39
CA ARG A 124 -15.75 -14.41 22.13
C ARG A 124 -14.50 -14.07 22.93
N GLU A 125 -13.73 -15.09 23.31
CA GLU A 125 -12.51 -14.86 24.09
C GLU A 125 -11.40 -14.29 23.22
N ALA A 126 -11.26 -14.80 22.00
CA ALA A 126 -10.27 -14.24 21.08
C ALA A 126 -10.59 -12.79 20.76
N PHE A 127 -11.87 -12.47 20.57
CA PHE A 127 -12.26 -11.09 20.29
C PHE A 127 -11.91 -10.19 21.48
N ALA A 128 -12.29 -10.61 22.69
CA ALA A 128 -12.00 -9.82 23.88
C ALA A 128 -10.50 -9.62 24.05
N ALA A 129 -9.71 -10.69 23.84
CA ALA A 129 -8.26 -10.56 23.98
C ALA A 129 -7.69 -9.58 22.97
N PHE A 130 -8.24 -9.57 21.75
CA PHE A 130 -7.75 -8.65 20.72
C PHE A 130 -7.98 -7.20 21.11
N ARG A 131 -9.19 -6.89 21.62
CA ARG A 131 -9.51 -5.51 21.99
C ARG A 131 -8.59 -5.00 23.08
N GLU A 132 -8.14 -5.86 23.99
CA GLU A 132 -7.29 -5.39 25.06
C GLU A 132 -5.83 -5.23 24.61
N ARG A 133 -5.36 -6.10 23.72
CA ARG A 133 -3.99 -5.96 23.23
C ARG A 133 -3.82 -4.70 22.39
N GLU A 134 -4.81 -4.37 21.57
CA GLU A 134 -4.68 -3.30 20.59
C GLU A 134 -5.28 -1.99 21.07
N ALA A 135 -5.72 -1.92 22.33
CA ALA A 135 -6.49 -0.77 22.81
C ALA A 135 -5.75 0.55 22.58
N TRP A 136 -4.42 0.54 22.62
CA TRP A 136 -3.65 1.77 22.57
C TRP A 136 -3.83 2.53 21.26
N TRP A 137 -4.25 1.87 20.18
CA TRP A 137 -4.69 2.54 18.98
C TRP A 137 -6.14 2.25 18.61
N LEU A 138 -6.69 1.12 19.07
CA LEU A 138 -8.01 0.69 18.60
C LEU A 138 -9.12 1.52 19.22
N GLU A 139 -8.97 1.94 20.48
CA GLU A 139 -9.99 2.76 21.11
C GLU A 139 -10.24 4.02 20.28
N ASP A 140 -9.18 4.73 19.90
CA ASP A 140 -9.32 5.94 19.11
C ASP A 140 -9.87 5.66 17.71
N TYR A 141 -9.39 4.59 17.05
CA TYR A 141 -9.85 4.30 15.70
C TYR A 141 -11.34 3.97 15.70
N ALA A 142 -11.76 3.11 16.63
CA ALA A 142 -13.16 2.66 16.66
C ALA A 142 -14.11 3.82 16.96
N LEU A 143 -13.75 4.70 17.89
CA LEU A 143 -14.58 5.86 18.19
C LEU A 143 -14.56 6.87 17.05
N PHE A 144 -13.43 6.98 16.36
CA PHE A 144 -13.35 7.83 15.18
C PHE A 144 -14.35 7.37 14.12
N MET A 145 -14.34 6.09 13.77
CA MET A 145 -15.27 5.58 12.77
C MET A 145 -16.70 5.68 13.25
N ALA A 146 -16.94 5.41 14.54
CA ALA A 146 -18.29 5.52 15.09
C ALA A 146 -18.80 6.96 14.99
N LEU A 147 -17.97 7.92 15.35
CA LEU A 147 -18.37 9.32 15.23
C LEU A 147 -18.54 9.73 13.78
N LYS A 148 -17.69 9.21 12.90
CA LYS A 148 -17.79 9.51 11.48
C LYS A 148 -19.17 9.13 10.95
N GLY A 149 -19.62 7.91 11.24
CA GLY A 149 -20.94 7.49 10.78
C GLY A 149 -22.05 8.29 11.42
N ALA A 150 -21.91 8.60 12.71
CA ALA A 150 -22.92 9.37 13.40
C ALA A 150 -23.04 10.80 12.89
N HIS A 151 -22.04 11.28 12.15
CA HIS A 151 -22.06 12.63 11.59
C HIS A 151 -22.07 12.61 10.07
N GLY A 152 -22.60 11.53 9.49
CA GLY A 152 -22.83 11.50 8.05
C GLY A 152 -21.59 11.41 7.20
N GLY A 153 -20.46 11.04 7.78
CA GLY A 153 -19.22 10.93 7.04
C GLY A 153 -18.34 12.16 7.07
N LEU A 154 -18.73 13.20 7.81
CA LEU A 154 -17.92 14.39 7.92
C LEU A 154 -16.52 14.04 8.45
N PRO A 155 -15.50 14.79 8.06
CA PRO A 155 -14.19 14.61 8.68
C PRO A 155 -14.20 15.08 10.13
N TRP A 156 -13.17 14.65 10.86
CA TRP A 156 -13.14 14.91 12.30
C TRP A 156 -13.08 16.40 12.60
N ASN A 157 -12.32 17.16 11.80
CA ASN A 157 -12.17 18.58 12.04
C ASN A 157 -13.34 19.38 11.51
N ARG A 158 -14.47 18.71 11.24
CA ARG A 158 -15.75 19.38 11.02
C ARG A 158 -16.82 18.91 11.99
N TRP A 159 -16.46 18.09 12.98
CA TRP A 159 -17.39 17.68 14.03
C TRP A 159 -17.56 18.80 15.04
N PRO A 160 -18.59 18.73 15.88
CA PRO A 160 -18.74 19.73 16.95
C PRO A 160 -17.48 19.84 17.79
N LEU A 161 -17.16 21.07 18.20
CA LEU A 161 -15.88 21.32 18.85
C LEU A 161 -15.62 20.43 20.06
N PRO A 162 -16.58 20.20 20.97
CA PRO A 162 -16.28 19.31 22.10
C PRO A 162 -15.78 17.94 21.68
N LEU A 163 -16.25 17.43 20.54
CA LEU A 163 -15.74 16.17 20.00
C LEU A 163 -14.49 16.38 19.16
N ARG A 164 -14.47 17.44 18.35
CA ARG A 164 -13.29 17.73 17.54
C ARG A 164 -12.05 17.91 18.40
N LYS A 165 -12.18 18.63 19.52
CA LYS A 165 -11.04 18.92 20.39
C LYS A 165 -10.90 17.92 21.52
N ARG A 166 -11.66 16.83 21.48
CA ARG A 166 -11.48 15.70 22.40
C ARG A 166 -11.53 16.14 23.86
N GLU A 167 -12.67 16.71 24.24
CA GLU A 167 -12.95 16.97 25.64
C GLU A 167 -13.30 15.68 26.35
N GLU A 168 -12.81 15.53 27.59
CA GLU A 168 -12.99 14.28 28.32
C GLU A 168 -14.46 13.87 28.39
N LYS A 169 -15.31 14.76 28.92
CA LYS A 169 -16.71 14.40 29.12
C LYS A 169 -17.39 14.09 27.79
N ALA A 170 -17.13 14.88 26.77
CA ALA A 170 -17.74 14.64 25.46
C ALA A 170 -17.39 13.25 24.94
N LEU A 171 -16.11 12.88 25.01
CA LEU A 171 -15.68 11.57 24.50
C LEU A 171 -16.26 10.44 25.33
N ARG A 172 -16.23 10.58 26.66
CA ARG A 172 -16.78 9.54 27.52
C ARG A 172 -18.26 9.30 27.23
N GLU A 173 -19.01 10.39 27.02
CA GLU A 173 -20.44 10.24 26.75
C GLU A 173 -20.69 9.69 25.36
N ALA A 174 -19.91 10.11 24.37
CA ALA A 174 -20.05 9.57 23.03
C ALA A 174 -19.73 8.07 23.01
N LYS A 175 -18.67 7.67 23.70
CA LYS A 175 -18.31 6.26 23.78
C LYS A 175 -19.47 5.43 24.34
N SER A 176 -20.19 5.97 25.33
CA SER A 176 -21.33 5.26 25.88
C SER A 176 -22.50 5.26 24.90
N ALA A 177 -22.78 6.41 24.29
CA ALA A 177 -23.90 6.50 23.35
C ALA A 177 -23.68 5.61 22.13
N LEU A 178 -22.41 5.44 21.71
CA LEU A 178 -22.08 4.69 20.51
C LEU A 178 -21.40 3.36 20.84
N ALA A 179 -21.71 2.79 22.01
CA ALA A 179 -21.00 1.62 22.49
C ALA A 179 -21.07 0.47 21.49
N GLU A 180 -22.24 0.26 20.88
CA GLU A 180 -22.37 -0.86 19.96
C GLU A 180 -21.67 -0.61 18.63
N GLU A 181 -21.65 0.65 18.16
CA GLU A 181 -20.91 0.96 16.94
C GLU A 181 -19.41 0.85 17.18
N VAL A 182 -18.93 1.26 18.35
CA VAL A 182 -17.52 1.11 18.69
C VAL A 182 -17.13 -0.36 18.70
N ALA A 183 -17.95 -1.19 19.35
CA ALA A 183 -17.67 -2.63 19.39
C ALA A 183 -17.69 -3.22 18.00
N PHE A 184 -18.60 -2.75 17.13
CA PHE A 184 -18.66 -3.26 15.77
C PHE A 184 -17.35 -3.00 15.02
N HIS A 185 -16.86 -1.77 15.07
CA HIS A 185 -15.63 -1.47 14.35
C HIS A 185 -14.45 -2.23 14.94
N ALA A 186 -14.43 -2.43 16.26
CA ALA A 186 -13.42 -3.31 16.83
C ALA A 186 -13.55 -4.72 16.26
N PHE A 187 -14.79 -5.16 16.03
CA PHE A 187 -15.02 -6.49 15.46
C PHE A 187 -14.43 -6.60 14.06
N THR A 188 -14.58 -5.56 13.24
CA THR A 188 -14.01 -5.62 11.89
C THR A 188 -12.48 -5.71 11.95
N GLN A 189 -11.86 -5.05 12.92
CA GLN A 189 -10.41 -5.11 13.03
C GLN A 189 -9.96 -6.49 13.49
N TRP A 190 -10.68 -7.08 14.44
CA TRP A 190 -10.34 -8.44 14.87
C TRP A 190 -10.36 -9.40 13.69
N LEU A 191 -11.42 -9.32 12.86
CA LEU A 191 -11.52 -10.20 11.70
C LEU A 191 -10.39 -9.95 10.71
N PHE A 192 -10.06 -8.69 10.44
CA PHE A 192 -9.01 -8.39 9.47
C PHE A 192 -7.68 -9.00 9.91
N PHE A 193 -7.28 -8.76 11.15
CA PHE A 193 -5.95 -9.21 11.57
C PHE A 193 -5.91 -10.72 11.77
N ARG A 194 -7.02 -11.32 12.16
CA ARG A 194 -7.09 -12.78 12.25
C ARG A 194 -6.92 -13.39 10.86
N GLN A 195 -7.64 -12.87 9.87
CA GLN A 195 -7.55 -13.43 8.53
C GLN A 195 -6.19 -13.12 7.89
N TRP A 196 -5.63 -11.94 8.12
CA TRP A 196 -4.33 -11.66 7.54
C TRP A 196 -3.26 -12.55 8.16
N GLY A 197 -3.36 -12.77 9.47
CA GLY A 197 -2.38 -13.61 10.14
C GLY A 197 -2.35 -15.03 9.62
N ALA A 198 -3.52 -15.60 9.31
CA ALA A 198 -3.57 -16.93 8.72
C ALA A 198 -2.92 -16.94 7.34
N LEU A 199 -3.11 -15.87 6.57
CA LEU A 199 -2.50 -15.78 5.25
C LEU A 199 -0.99 -15.60 5.34
N LYS A 200 -0.52 -14.83 6.33
CA LYS A 200 0.92 -14.65 6.50
C LYS A 200 1.57 -15.96 6.88
N ALA A 201 0.93 -16.73 7.76
CA ALA A 201 1.45 -18.05 8.14
C ALA A 201 1.52 -18.97 6.93
N GLU A 202 0.52 -18.91 6.05
CA GLU A 202 0.54 -19.72 4.84
C GLU A 202 1.67 -19.31 3.91
N ALA A 203 1.85 -18.00 3.73
CA ALA A 203 2.99 -17.51 2.95
C ALA A 203 4.30 -18.05 3.50
N GLU A 204 4.47 -17.98 4.83
CA GLU A 204 5.72 -18.43 5.42
C GLU A 204 5.91 -19.94 5.22
N ALA A 205 4.84 -20.72 5.35
CA ALA A 205 4.95 -22.16 5.11
C ALA A 205 5.33 -22.48 3.67
N LEU A 206 5.02 -21.59 2.73
CA LEU A 206 5.37 -21.75 1.32
C LEU A 206 6.68 -21.06 0.96
N GLY A 207 7.41 -20.54 1.93
CA GLY A 207 8.67 -19.87 1.65
C GLY A 207 8.54 -18.51 0.98
N ILE A 208 7.44 -17.81 1.21
CA ILE A 208 7.16 -16.52 0.58
C ILE A 208 7.23 -15.43 1.63
N ARG A 209 7.83 -14.30 1.26
CA ARG A 209 7.86 -13.09 2.07
C ARG A 209 6.93 -12.03 1.48
N ILE A 210 6.32 -11.25 2.36
CA ILE A 210 5.34 -10.25 1.95
C ILE A 210 5.96 -8.86 2.07
N ILE A 211 5.89 -8.09 0.99
CA ILE A 211 6.31 -6.69 0.98
C ILE A 211 5.08 -5.82 1.11
N GLY A 212 4.99 -5.05 2.20
CA GLY A 212 3.94 -4.06 2.38
C GLY A 212 4.39 -2.66 1.99
N ASP A 213 3.53 -1.68 2.30
CA ASP A 213 3.69 -0.33 1.76
C ASP A 213 2.99 0.64 2.71
N MET A 214 3.57 1.83 2.87
CA MET A 214 2.93 2.85 3.71
C MET A 214 3.35 4.22 3.18
N PRO A 215 2.46 5.20 3.17
CA PRO A 215 2.86 6.55 2.79
C PRO A 215 3.61 7.22 3.93
N ILE A 216 4.64 8.00 3.58
CA ILE A 216 5.40 8.68 4.63
C ILE A 216 4.49 9.58 5.45
N PHE A 217 3.59 10.33 4.80
CA PHE A 217 2.68 11.22 5.49
C PHE A 217 1.31 10.55 5.65
N VAL A 218 0.65 10.80 6.77
CA VAL A 218 -0.69 10.26 7.00
C VAL A 218 -1.73 11.18 6.39
N ALA A 219 -3.00 10.79 6.50
CA ALA A 219 -4.11 11.53 5.91
C ALA A 219 -4.68 12.55 6.88
N GLU A 220 -5.15 13.68 6.34
CA GLU A 220 -5.73 14.71 7.17
C GLU A 220 -6.88 14.17 8.02
N ASP A 221 -7.82 13.47 7.38
CA ASP A 221 -8.99 12.94 8.07
C ASP A 221 -8.67 11.51 8.53
N SER A 222 -8.02 11.42 9.70
CA SER A 222 -7.60 10.14 10.21
C SER A 222 -7.58 10.18 11.72
N ALA A 223 -7.67 8.98 12.31
CA ALA A 223 -7.83 8.88 13.76
C ALA A 223 -6.62 9.44 14.49
N GLU A 224 -5.42 9.19 13.97
CA GLU A 224 -4.23 9.59 14.71
C GLU A 224 -4.00 11.10 14.66
N VAL A 225 -4.45 11.76 13.59
CA VAL A 225 -4.37 13.22 13.54
C VAL A 225 -5.37 13.82 14.53
N TRP A 226 -6.57 13.26 14.59
CA TRP A 226 -7.58 13.73 15.54
C TRP A 226 -7.10 13.56 16.98
N ALA A 227 -6.50 12.41 17.28
CA ALA A 227 -6.13 12.09 18.66
C ALA A 227 -4.77 12.65 19.07
N HIS A 228 -3.89 12.96 18.12
CA HIS A 228 -2.55 13.44 18.42
C HIS A 228 -2.26 14.69 17.61
N PRO A 229 -3.04 15.75 17.79
CA PRO A 229 -2.81 16.96 17.00
C PRO A 229 -1.43 17.57 17.23
N GLU A 230 -0.84 17.34 18.40
CA GLU A 230 0.47 17.91 18.70
C GLU A 230 1.57 17.41 17.78
N TRP A 231 1.34 16.33 17.04
CA TRP A 231 2.34 15.81 16.12
C TRP A 231 2.34 16.52 14.76
N PHE A 232 1.39 17.42 14.52
CA PHE A 232 1.16 17.96 13.18
C PHE A 232 1.01 19.48 13.22
N HIS A 233 1.25 20.11 12.06
CA HIS A 233 1.09 21.55 11.90
C HIS A 233 -0.37 21.86 11.61
N LEU A 234 -1.14 22.10 12.68
CA LEU A 234 -2.56 22.40 12.59
C LEU A 234 -2.85 23.70 13.31
N ASP A 235 -3.95 24.34 12.93
CA ASP A 235 -4.44 25.52 13.62
C ASP A 235 -5.42 25.09 14.71
N GLU A 236 -6.08 26.07 15.35
CA GLU A 236 -6.97 25.74 16.46
C GLU A 236 -8.23 25.02 15.98
N GLU A 237 -8.68 25.30 14.76
CA GLU A 237 -9.83 24.59 14.19
C GLU A 237 -9.47 23.17 13.74
N GLY A 238 -8.21 22.75 13.86
CA GLY A 238 -7.83 21.41 13.46
C GLY A 238 -7.50 21.26 11.99
N ARG A 239 -7.28 22.39 11.26
CA ARG A 239 -6.97 22.33 9.85
C ARG A 239 -5.48 22.60 9.60
N PRO A 240 -4.87 21.95 8.60
CA PRO A 240 -3.43 22.14 8.38
C PRO A 240 -3.08 23.58 8.06
N THR A 241 -1.95 24.04 8.62
CA THR A 241 -1.39 25.33 8.26
C THR A 241 -0.44 25.24 7.08
N VAL A 242 0.20 24.07 6.90
CA VAL A 242 1.03 23.78 5.74
C VAL A 242 0.68 22.36 5.30
N VAL A 243 0.95 22.05 4.03
CA VAL A 243 0.61 20.75 3.46
C VAL A 243 1.79 20.21 2.67
N ALA A 244 1.74 18.90 2.41
CA ALA A 244 2.80 18.20 1.70
C ALA A 244 2.66 18.36 0.19
N GLY A 245 3.76 18.09 -0.51
CA GLY A 245 3.79 18.20 -1.95
C GLY A 245 5.22 18.17 -2.45
N VAL A 246 5.40 18.52 -3.72
CA VAL A 246 6.73 18.64 -4.31
C VAL A 246 6.79 19.84 -5.23
N PRO A 247 7.98 20.43 -5.37
CA PRO A 247 8.11 21.68 -6.15
C PRO A 247 8.07 21.42 -7.64
N PRO A 248 7.97 22.47 -8.46
CA PRO A 248 7.98 22.29 -9.92
C PRO A 248 9.18 21.50 -10.43
N ASP A 249 10.38 22.07 -10.26
CA ASP A 249 11.64 21.43 -10.64
C ASP A 249 11.61 20.78 -12.03
N TYR A 250 12.14 21.51 -13.02
CA TYR A 250 12.36 21.10 -14.41
C TYR A 250 11.79 19.75 -14.87
N PHE A 251 10.65 19.33 -14.33
CA PHE A 251 9.89 18.24 -14.94
C PHE A 251 8.41 18.65 -14.97
N SER A 252 8.01 19.47 -14.02
CA SER A 252 6.71 20.10 -14.00
C SER A 252 6.88 21.60 -13.83
N GLU A 253 5.88 22.35 -14.27
CA GLU A 253 5.87 23.80 -14.08
C GLU A 253 5.11 24.23 -12.83
N THR A 254 4.23 23.37 -12.31
CA THR A 254 3.40 23.71 -11.16
C THR A 254 3.77 22.95 -9.90
N GLY A 255 4.54 21.87 -10.02
CA GLY A 255 4.72 20.99 -8.87
C GLY A 255 3.42 20.26 -8.56
N GLN A 256 3.32 19.77 -7.32
CA GLN A 256 2.16 19.02 -6.87
C GLN A 256 1.82 19.42 -5.44
N ARG A 257 0.54 19.69 -5.19
CA ARG A 257 0.02 19.97 -3.85
C ARG A 257 -0.80 18.76 -3.41
N TRP A 258 -0.25 17.98 -2.47
CA TRP A 258 -0.91 16.75 -2.03
C TRP A 258 -1.98 17.00 -0.98
N GLY A 259 -1.72 17.91 -0.04
CA GLY A 259 -2.66 18.24 1.00
C GLY A 259 -2.47 17.52 2.32
N ASN A 260 -1.60 16.50 2.37
CA ASN A 260 -1.40 15.78 3.62
C ASN A 260 -0.94 16.73 4.71
N PRO A 261 -1.31 16.48 5.96
CA PRO A 261 -0.69 17.21 7.07
C PRO A 261 0.78 16.85 7.21
N LEU A 262 1.56 17.79 7.74
CA LEU A 262 3.00 17.62 7.87
C LEU A 262 3.38 17.43 9.34
N TYR A 263 4.37 16.57 9.58
CA TYR A 263 4.82 16.29 10.94
C TYR A 263 5.56 17.49 11.51
N ARG A 264 5.38 17.69 12.81
CA ARG A 264 6.30 18.51 13.62
C ARG A 264 7.43 17.59 14.03
N TRP A 265 8.50 17.55 13.23
CA TRP A 265 9.56 16.58 13.49
C TRP A 265 10.30 16.89 14.79
N ASP A 266 10.33 18.14 15.24
CA ASP A 266 10.96 18.44 16.52
C ASP A 266 10.21 17.76 17.66
N VAL A 267 8.88 17.69 17.57
CA VAL A 267 8.08 17.02 18.58
C VAL A 267 8.32 15.51 18.52
N LEU A 268 8.32 14.94 17.31
CA LEU A 268 8.57 13.52 17.16
C LEU A 268 9.94 13.14 17.71
N GLU A 269 10.97 13.94 17.41
CA GLU A 269 12.30 13.66 17.92
C GLU A 269 12.35 13.75 19.45
N ARG A 270 11.73 14.78 20.03
CA ARG A 270 11.69 14.89 21.49
C ARG A 270 11.00 13.69 22.13
N GLU A 271 10.09 13.04 21.40
CA GLU A 271 9.39 11.86 21.87
C GLU A 271 10.09 10.56 21.49
N GLY A 272 11.36 10.62 21.09
CA GLY A 272 12.09 9.42 20.69
C GLY A 272 11.51 8.72 19.48
N PHE A 273 10.84 9.48 18.60
CA PHE A 273 10.20 8.94 17.39
C PHE A 273 9.19 7.83 17.71
N SER A 274 8.51 7.97 18.85
CA SER A 274 7.56 6.94 19.28
CA SER A 274 7.55 6.96 19.29
C SER A 274 6.56 6.58 18.19
N PHE A 275 5.93 7.58 17.55
CA PHE A 275 4.93 7.27 16.54
C PHE A 275 5.49 6.37 15.44
N TRP A 276 6.69 6.70 14.95
CA TRP A 276 7.28 5.95 13.84
C TRP A 276 7.70 4.55 14.27
N ILE A 277 8.21 4.41 15.49
CA ILE A 277 8.54 3.08 15.99
C ILE A 277 7.29 2.21 16.08
N ARG A 278 6.20 2.77 16.60
CA ARG A 278 4.98 1.98 16.72
C ARG A 278 4.38 1.71 15.35
N ARG A 279 4.47 2.67 14.45
CA ARG A 279 3.94 2.47 13.09
C ARG A 279 4.66 1.32 12.40
N LEU A 280 5.98 1.27 12.51
CA LEU A 280 6.76 0.19 11.89
C LEU A 280 6.58 -1.12 12.64
N GLU A 281 6.46 -1.07 13.96
CA GLU A 281 6.19 -2.27 14.74
C GLU A 281 4.91 -2.96 14.27
N LYS A 282 3.83 -2.18 14.09
CA LYS A 282 2.59 -2.77 13.62
C LYS A 282 2.72 -3.28 12.20
N ALA A 283 3.40 -2.53 11.33
CA ALA A 283 3.58 -2.97 9.95
C ALA A 283 4.30 -4.31 9.89
N LEU A 284 5.31 -4.50 10.74
CA LEU A 284 6.08 -5.73 10.72
C LEU A 284 5.35 -6.90 11.35
N GLU A 285 4.20 -6.69 12.00
CA GLU A 285 3.32 -7.80 12.33
C GLU A 285 2.65 -8.38 11.09
N LEU A 286 2.53 -7.59 10.03
CA LEU A 286 1.85 -8.01 8.80
C LEU A 286 2.82 -8.36 7.68
N PHE A 287 3.96 -7.68 7.61
CA PHE A 287 4.85 -7.75 6.46
C PHE A 287 6.26 -8.14 6.93
N HIS A 288 7.04 -8.67 5.99
CA HIS A 288 8.44 -8.95 6.25
C HIS A 288 9.35 -7.79 5.84
N LEU A 289 8.95 -7.05 4.81
CA LEU A 289 9.62 -5.86 4.32
C LEU A 289 8.58 -4.77 4.12
N VAL A 290 8.92 -3.52 4.39
CA VAL A 290 7.97 -2.41 4.31
C VAL A 290 8.52 -1.34 3.38
N ARG A 291 7.83 -1.09 2.27
CA ARG A 291 8.14 0.03 1.39
CA ARG A 291 8.17 0.04 1.41
C ARG A 291 7.58 1.31 1.98
N ILE A 292 8.35 2.40 1.92
CA ILE A 292 7.85 3.70 2.38
C ILE A 292 7.81 4.66 1.18
N ALA A 293 6.61 5.09 0.82
CA ALA A 293 6.42 5.99 -0.31
C ALA A 293 6.94 7.39 0.02
N HIS A 294 7.59 8.00 -0.97
CA HIS A 294 8.24 9.30 -0.83
C HIS A 294 9.29 9.27 0.29
N PHE A 295 10.15 8.25 0.23
CA PHE A 295 11.25 8.09 1.18
C PHE A 295 12.09 9.35 1.33
N ARG A 296 12.28 10.11 0.24
CA ARG A 296 13.13 11.30 0.32
C ARG A 296 12.64 12.29 1.37
N GLY A 297 11.36 12.21 1.76
CA GLY A 297 10.83 13.11 2.77
C GLY A 297 11.44 12.94 4.14
N PHE A 298 12.15 11.83 4.38
CA PHE A 298 12.87 11.65 5.65
C PHE A 298 14.10 12.53 5.73
N GLU A 299 14.65 12.95 4.59
CA GLU A 299 15.80 13.85 4.56
C GLU A 299 15.37 15.31 4.46
N ALA A 300 14.40 15.60 3.59
CA ALA A 300 13.85 16.94 3.47
C ALA A 300 12.52 16.83 2.75
N TYR A 301 11.60 17.74 3.07
CA TYR A 301 10.26 17.73 2.49
C TYR A 301 9.87 19.14 2.05
N TRP A 302 9.00 19.19 1.04
CA TRP A 302 8.53 20.45 0.48
C TRP A 302 7.30 20.90 1.27
N GLU A 303 7.39 22.09 1.86
CA GLU A 303 6.35 22.63 2.73
C GLU A 303 5.57 23.71 1.98
N ILE A 304 4.27 23.50 1.81
CA ILE A 304 3.41 24.39 1.04
C ILE A 304 2.47 25.10 2.02
N PRO A 305 2.44 26.44 2.04
CA PRO A 305 1.40 27.12 2.83
C PRO A 305 0.00 26.64 2.44
N ALA A 306 -0.81 26.35 3.45
CA ALA A 306 -2.10 25.70 3.21
C ALA A 306 -2.99 26.55 2.30
N SER A 307 -2.93 27.87 2.44
CA SER A 307 -3.80 28.74 1.67
C SER A 307 -3.45 28.77 0.18
N CYS A 308 -2.27 28.28 -0.20
CA CYS A 308 -1.86 28.35 -1.60
C CYS A 308 -2.53 27.23 -2.42
N PRO A 309 -3.07 27.54 -3.60
CA PRO A 309 -3.70 26.48 -4.41
C PRO A 309 -2.71 25.61 -5.17
N THR A 310 -1.47 26.04 -5.33
CA THR A 310 -0.44 25.25 -6.01
C THR A 310 0.75 25.06 -5.07
N ALA A 311 1.81 24.46 -5.60
CA ALA A 311 3.01 24.14 -4.83
C ALA A 311 4.18 25.06 -5.16
N VAL A 312 3.94 26.16 -5.88
CA VAL A 312 5.05 26.95 -6.41
C VAL A 312 5.72 27.77 -5.32
N GLU A 313 4.98 28.20 -4.30
CA GLU A 313 5.53 29.05 -3.24
C GLU A 313 5.78 28.27 -1.96
N GLY A 314 6.40 27.10 -2.06
CA GLY A 314 6.81 26.33 -0.91
C GLY A 314 8.27 26.56 -0.55
N ARG A 315 8.78 25.70 0.33
CA ARG A 315 10.18 25.74 0.73
C ARG A 315 10.58 24.36 1.22
N TRP A 316 11.86 24.03 1.02
CA TRP A 316 12.40 22.78 1.53
C TRP A 316 12.72 22.92 3.01
N VAL A 317 12.35 21.89 3.78
CA VAL A 317 12.62 21.85 5.21
C VAL A 317 13.30 20.53 5.51
N LYS A 318 14.46 20.59 6.18
CA LYS A 318 15.17 19.38 6.54
C LYS A 318 14.40 18.61 7.62
N ALA A 319 14.43 17.28 7.53
CA ALA A 319 13.88 16.38 8.52
C ALA A 319 14.99 15.50 9.10
N PRO A 320 14.82 14.98 10.33
CA PRO A 320 15.93 14.27 10.99
C PRO A 320 16.02 12.79 10.62
N GLY A 321 16.11 12.53 9.31
CA GLY A 321 16.08 11.15 8.85
C GLY A 321 17.21 10.29 9.41
N GLU A 322 18.41 10.86 9.50
CA GLU A 322 19.54 10.12 10.06
C GLU A 322 19.25 9.66 11.48
N LYS A 323 18.78 10.58 12.33
CA LYS A 323 18.47 10.22 13.71
C LYS A 323 17.34 9.20 13.78
N LEU A 324 16.31 9.35 12.95
CA LEU A 324 15.18 8.41 12.94
C LEU A 324 15.64 7.00 12.61
N PHE A 325 16.44 6.84 11.55
CA PHE A 325 16.83 5.51 11.14
C PHE A 325 17.88 4.90 12.05
N GLN A 326 18.70 5.72 12.72
CA GLN A 326 19.53 5.19 13.80
C GLN A 326 18.66 4.60 14.90
N LYS A 327 17.56 5.28 15.24
CA LYS A 327 16.66 4.76 16.26
C LYS A 327 15.99 3.47 15.79
N ILE A 328 15.52 3.42 14.54
CA ILE A 328 14.91 2.20 14.00
C ILE A 328 15.89 1.04 14.09
N GLN A 329 17.14 1.27 13.65
CA GLN A 329 18.17 0.24 13.72
C GLN A 329 18.37 -0.24 15.14
N GLU A 330 18.40 0.69 16.11
CA GLU A 330 18.61 0.33 17.51
CA GLU A 330 18.62 0.31 17.50
C GLU A 330 17.45 -0.52 18.04
N VAL A 331 16.23 -0.14 17.70
CA VAL A 331 15.04 -0.82 18.23
C VAL A 331 14.88 -2.19 17.59
N PHE A 332 15.03 -2.29 16.27
CA PHE A 332 14.68 -3.49 15.54
C PHE A 332 15.88 -4.38 15.22
N GLY A 333 17.09 -3.90 15.42
CA GLY A 333 18.28 -4.66 15.09
C GLY A 333 18.59 -4.75 13.63
N GLU A 334 17.82 -4.07 12.79
CA GLU A 334 17.96 -4.07 11.35
C GLU A 334 16.94 -3.05 10.86
N VAL A 335 17.02 -2.71 9.58
CA VAL A 335 16.07 -1.76 9.02
C VAL A 335 15.37 -2.45 7.85
N PRO A 336 14.17 -3.10 8.10
CA PRO A 336 13.46 -3.87 7.06
C PRO A 336 12.60 -2.99 6.16
N VAL A 337 13.23 -2.00 5.54
CA VAL A 337 12.55 -0.96 4.78
C VAL A 337 13.06 -0.97 3.34
N LEU A 338 12.12 -0.77 2.41
CA LEU A 338 12.42 -0.53 1.00
CA LEU A 338 12.42 -0.54 1.00
C LEU A 338 12.14 0.93 0.71
N ALA A 339 13.09 1.60 0.08
CA ALA A 339 12.96 3.03 -0.22
C ALA A 339 12.28 3.25 -1.57
N GLU A 340 11.14 3.92 -1.56
CA GLU A 340 10.57 4.44 -2.81
C GLU A 340 11.32 5.72 -3.14
N ASP A 341 12.28 5.61 -4.07
CA ASP A 341 13.22 6.67 -4.40
C ASP A 341 13.15 7.04 -5.87
N LEU A 342 11.95 7.00 -6.44
CA LEU A 342 11.75 7.43 -7.81
C LEU A 342 11.73 8.96 -7.87
N GLY A 343 11.90 9.48 -9.06
CA GLY A 343 12.05 10.92 -9.19
C GLY A 343 13.44 11.35 -8.76
N VAL A 344 13.85 12.55 -9.18
CA VAL A 344 15.21 13.00 -8.93
C VAL A 344 15.43 13.11 -7.42
N ILE A 345 16.50 12.49 -6.95
CA ILE A 345 16.90 12.56 -5.55
C ILE A 345 18.30 13.16 -5.49
N THR A 346 18.69 13.54 -4.29
CA THR A 346 19.94 14.23 -4.05
C THR A 346 20.97 13.31 -3.43
N PRO A 347 22.24 13.69 -3.43
CA PRO A 347 23.24 12.89 -2.71
C PRO A 347 22.88 12.65 -1.25
N GLU A 348 22.26 13.64 -0.61
CA GLU A 348 21.86 13.46 0.79
C GLU A 348 20.84 12.33 0.93
N VAL A 349 19.94 12.20 -0.05
CA VAL A 349 18.93 11.14 0.02
C VAL A 349 19.60 9.79 -0.25
N GLU A 350 20.45 9.72 -1.28
CA GLU A 350 21.16 8.49 -1.58
C GLU A 350 22.02 8.04 -0.40
N ALA A 351 22.70 8.99 0.24
CA ALA A 351 23.56 8.64 1.38
C ALA A 351 22.74 8.09 2.53
N LEU A 352 21.57 8.68 2.79
CA LEU A 352 20.70 8.16 3.84
C LEU A 352 20.26 6.74 3.51
N ARG A 353 19.79 6.53 2.28
CA ARG A 353 19.37 5.21 1.85
C ARG A 353 20.50 4.19 2.00
N ASP A 354 21.68 4.52 1.51
CA ASP A 354 22.76 3.54 1.45
C ASP A 354 23.43 3.34 2.82
N ARG A 355 23.42 4.36 3.68
CA ARG A 355 24.00 4.20 5.01
C ARG A 355 23.35 3.04 5.77
N PHE A 356 22.04 2.82 5.57
CA PHE A 356 21.33 1.77 6.29
C PHE A 356 21.03 0.57 5.41
N GLY A 357 21.67 0.48 4.24
CA GLY A 357 21.57 -0.69 3.38
C GLY A 357 20.21 -0.89 2.75
N LEU A 358 19.43 0.17 2.58
CA LEU A 358 18.05 0.02 2.13
C LEU A 358 18.02 -0.13 0.61
N PRO A 359 17.27 -1.10 0.07
CA PRO A 359 17.14 -1.17 -1.39
C PRO A 359 16.27 -0.03 -1.92
N GLY A 360 16.66 0.48 -3.09
CA GLY A 360 15.84 1.40 -3.86
C GLY A 360 15.08 0.69 -4.96
N MET A 361 14.55 1.48 -5.90
CA MET A 361 13.68 0.95 -6.94
CA MET A 361 13.63 1.04 -6.94
C MET A 361 14.17 1.37 -8.32
N LYS A 362 13.79 0.55 -9.30
CA LYS A 362 14.02 0.80 -10.71
C LYS A 362 12.74 0.44 -11.45
N VAL A 363 12.32 1.27 -12.39
CA VAL A 363 11.08 1.07 -13.15
C VAL A 363 11.40 1.12 -14.64
N LEU A 364 11.23 -0.01 -15.32
CA LEU A 364 11.68 -0.11 -16.71
C LEU A 364 10.86 0.77 -17.67
N GLN A 365 9.58 1.05 -17.37
CA GLN A 365 8.80 1.92 -18.23
C GLN A 365 9.36 3.34 -18.29
N PHE A 366 10.25 3.72 -17.36
CA PHE A 366 10.89 5.03 -17.38
C PHE A 366 12.30 5.00 -17.99
N ALA A 367 12.72 3.88 -18.57
CA ALA A 367 14.12 3.68 -18.95
C ALA A 367 14.48 4.09 -20.37
N PHE A 368 13.50 4.40 -21.24
CA PHE A 368 13.76 4.50 -22.67
C PHE A 368 13.43 5.88 -23.26
N ASP A 369 13.19 6.86 -22.41
CA ASP A 369 12.81 8.19 -22.88
C ASP A 369 14.01 9.13 -23.00
CA GLY A 371 19.97 8.01 -23.57
C GLY A 371 20.41 6.84 -22.71
N MET A 372 21.62 6.37 -22.97
CA MET A 372 22.17 5.22 -22.27
C MET A 372 22.56 5.55 -20.82
N GLU A 373 22.56 6.84 -20.46
CA GLU A 373 22.83 7.25 -19.09
C GLU A 373 21.61 7.16 -18.17
N ASN A 374 20.44 6.81 -18.69
CA ASN A 374 19.23 6.69 -17.88
C ASN A 374 19.42 5.66 -16.76
N PRO A 375 19.30 6.03 -15.48
CA PRO A 375 19.56 5.08 -14.39
C PRO A 375 18.62 3.89 -14.35
N PHE A 376 17.49 3.92 -15.05
CA PHE A 376 16.56 2.81 -15.02
C PHE A 376 16.90 1.72 -16.05
N LEU A 377 17.93 1.93 -16.87
CA LEU A 377 18.44 0.90 -17.77
C LEU A 377 19.32 -0.08 -16.98
N PRO A 378 19.15 -1.39 -17.20
CA PRO A 378 19.81 -2.38 -16.33
C PRO A 378 21.33 -2.32 -16.30
N HIS A 379 22.02 -1.96 -17.38
CA HIS A 379 23.47 -1.88 -17.29
C HIS A 379 23.93 -0.80 -16.32
N ASN A 380 23.05 0.10 -15.89
CA ASN A 380 23.40 1.14 -14.93
C ASN A 380 23.03 0.78 -13.49
N TYR A 381 22.49 -0.42 -13.24
CA TYR A 381 22.13 -0.77 -11.87
C TYR A 381 23.39 -1.00 -11.02
N PRO A 382 23.31 -0.75 -9.72
CA PRO A 382 24.51 -0.87 -8.88
C PRO A 382 25.00 -2.31 -8.80
N ALA A 383 26.32 -2.47 -8.79
CA ALA A 383 26.89 -3.81 -8.71
C ALA A 383 26.50 -4.55 -7.43
N HIS A 384 26.20 -3.83 -6.35
CA HIS A 384 25.76 -4.52 -5.13
C HIS A 384 24.36 -5.11 -5.26
N GLY A 385 23.62 -4.71 -6.28
CA GLY A 385 22.34 -5.32 -6.58
C GLY A 385 21.19 -4.99 -5.65
N ARG A 386 21.38 -4.10 -4.67
CA ARG A 386 20.32 -3.80 -3.69
C ARG A 386 19.30 -2.82 -4.27
N VAL A 387 18.54 -3.31 -5.25
CA VAL A 387 17.43 -2.58 -5.85
C VAL A 387 16.38 -3.59 -6.24
N VAL A 388 15.12 -3.13 -6.32
CA VAL A 388 14.00 -3.93 -6.80
C VAL A 388 13.61 -3.35 -8.15
N VAL A 389 13.61 -4.18 -9.21
CA VAL A 389 13.21 -3.72 -10.54
C VAL A 389 11.77 -4.14 -10.80
N TYR A 390 10.98 -3.18 -11.32
CA TYR A 390 9.61 -3.37 -11.78
C TYR A 390 9.52 -3.03 -13.26
N THR A 391 8.55 -3.64 -13.96
CA THR A 391 8.14 -3.10 -15.26
C THR A 391 7.43 -1.77 -15.06
N GLY A 392 6.37 -1.78 -14.25
CA GLY A 392 5.69 -0.58 -13.78
C GLY A 392 5.16 -0.85 -12.39
N THR A 393 4.80 0.24 -11.71
CA THR A 393 4.14 0.15 -10.42
C THR A 393 2.63 0.28 -10.58
N HIS A 394 1.92 0.31 -9.45
CA HIS A 394 0.48 0.55 -9.45
C HIS A 394 0.09 1.90 -10.06
N ASN A 395 1.01 2.87 -10.10
CA ASN A 395 0.71 4.19 -10.67
C ASN A 395 0.94 4.25 -12.17
N ASN A 396 1.57 3.23 -12.74
CA ASN A 396 1.84 3.16 -14.16
C ASN A 396 0.74 2.41 -14.87
N ASP A 397 0.65 2.62 -16.18
CA ASP A 397 -0.18 1.74 -16.99
C ASP A 397 0.40 0.33 -16.96
N THR A 398 -0.39 -0.65 -17.41
CA THR A 398 0.20 -1.93 -17.72
C THR A 398 1.28 -1.73 -18.78
N THR A 399 2.19 -2.70 -18.92
CA THR A 399 3.26 -2.51 -19.89
C THR A 399 2.73 -2.55 -21.32
N LEU A 400 1.73 -3.39 -21.63
CA LEU A 400 1.14 -3.32 -22.97
C LEU A 400 0.46 -1.97 -23.20
N GLY A 401 -0.24 -1.44 -22.19
CA GLY A 401 -0.87 -0.14 -22.33
C GLY A 401 0.15 0.98 -22.50
N TRP A 402 1.23 0.93 -21.72
CA TRP A 402 2.33 1.88 -21.85
C TRP A 402 2.94 1.82 -23.25
N TYR A 403 3.20 0.62 -23.76
CA TYR A 403 3.81 0.50 -25.08
C TYR A 403 2.89 1.09 -26.15
N ARG A 404 1.58 0.86 -26.02
CA ARG A 404 0.63 1.36 -27.00
C ARG A 404 0.59 2.88 -27.06
N THR A 405 0.89 3.56 -25.95
CA THR A 405 0.83 5.03 -25.94
C THR A 405 2.20 5.68 -25.89
N ALA A 406 3.28 4.90 -25.94
CA ALA A 406 4.63 5.44 -25.83
C ALA A 406 5.04 6.21 -27.09
N THR A 407 6.08 7.04 -26.94
CA THR A 407 6.58 7.82 -28.07
C THR A 407 7.36 6.94 -29.05
N PRO A 408 7.49 7.40 -30.30
CA PRO A 408 8.35 6.68 -31.26
C PRO A 408 9.78 6.48 -30.76
N HIS A 409 10.38 7.52 -30.17
CA HIS A 409 11.73 7.37 -29.61
C HIS A 409 11.77 6.24 -28.59
N GLU A 410 10.84 6.24 -27.65
CA GLU A 410 10.83 5.20 -26.62
C GLU A 410 10.73 3.82 -27.23
N LYS A 411 9.78 3.64 -28.16
CA LYS A 411 9.52 2.31 -28.68
C LYS A 411 10.70 1.79 -29.49
N ALA A 412 11.32 2.68 -30.26
CA ALA A 412 12.47 2.30 -31.07
C ALA A 412 13.68 2.00 -30.19
N PHE A 413 13.93 2.84 -29.19
CA PHE A 413 15.06 2.62 -28.29
C PHE A 413 14.86 1.35 -27.47
N MET A 414 13.66 1.14 -26.94
CA MET A 414 13.36 -0.09 -26.22
C MET A 414 13.69 -1.32 -27.08
N ALA A 415 13.24 -1.33 -28.32
CA ALA A 415 13.44 -2.51 -29.16
C ALA A 415 14.94 -2.76 -29.41
N ARG A 416 15.70 -1.69 -29.64
CA ARG A 416 17.15 -1.83 -29.85
C ARG A 416 17.86 -2.32 -28.59
N TYR A 417 17.51 -1.73 -27.43
CA TYR A 417 18.15 -2.12 -26.18
C TYR A 417 17.86 -3.58 -25.85
N LEU A 418 16.61 -4.00 -26.00
CA LEU A 418 16.25 -5.41 -25.81
C LEU A 418 17.05 -6.30 -26.74
N ALA A 419 17.16 -5.91 -28.01
CA ALA A 419 17.89 -6.72 -28.99
C ALA A 419 19.37 -6.83 -28.60
N ASP A 420 19.94 -5.74 -28.08
CA ASP A 420 21.32 -5.78 -27.57
C ASP A 420 21.48 -6.82 -26.46
N TRP A 421 20.41 -7.08 -25.70
CA TRP A 421 20.40 -8.05 -24.62
C TRP A 421 19.81 -9.39 -25.04
N GLY A 422 19.71 -9.64 -26.35
CA GLY A 422 19.30 -10.94 -26.84
C GLY A 422 17.82 -11.22 -26.75
N ILE A 423 17.01 -10.17 -26.65
CA ILE A 423 15.55 -10.30 -26.49
C ILE A 423 14.89 -9.64 -27.69
N THR A 424 14.06 -10.39 -28.42
CA THR A 424 13.35 -9.89 -29.58
C THR A 424 11.87 -10.21 -29.43
N PHE A 425 11.06 -9.52 -30.23
CA PHE A 425 9.62 -9.73 -30.23
C PHE A 425 9.08 -9.37 -31.61
N ARG A 426 7.94 -9.98 -31.96
CA ARG A 426 7.30 -9.74 -33.25
C ARG A 426 5.99 -8.95 -33.15
N GLU A 427 5.26 -9.09 -32.04
CA GLU A 427 3.95 -8.47 -31.87
C GLU A 427 3.92 -7.71 -30.54
N GLU A 428 3.09 -6.67 -30.49
CA GLU A 428 2.99 -5.84 -29.29
C GLU A 428 2.64 -6.67 -28.06
N GLU A 429 1.85 -7.73 -28.22
CA GLU A 429 1.44 -8.51 -27.05
C GLU A 429 2.61 -9.18 -26.36
N GLU A 430 3.76 -9.27 -27.04
CA GLU A 430 4.96 -9.90 -26.50
C GLU A 430 5.83 -8.92 -25.69
N VAL A 431 5.53 -7.62 -25.76
CA VAL A 431 6.38 -6.64 -25.07
C VAL A 431 6.37 -6.82 -23.57
N PRO A 432 5.25 -7.11 -22.90
CA PRO A 432 5.33 -7.27 -21.43
C PRO A 432 6.30 -8.36 -21.00
N TRP A 433 6.27 -9.52 -21.65
CA TRP A 433 7.19 -10.59 -21.26
C TRP A 433 8.62 -10.27 -21.67
N ALA A 434 8.79 -9.53 -22.77
CA ALA A 434 10.14 -9.10 -23.17
C ALA A 434 10.76 -8.21 -22.11
N LEU A 435 10.00 -7.25 -21.57
CA LEU A 435 10.55 -6.37 -20.55
C LEU A 435 10.70 -7.08 -19.20
N MET A 436 9.79 -8.01 -18.87
CA MET A 436 10.00 -8.82 -17.68
C MET A 436 11.30 -9.62 -17.81
N HIS A 437 11.57 -10.16 -18.99
CA HIS A 437 12.80 -10.91 -19.19
C HIS A 437 14.01 -10.00 -18.98
N LEU A 438 13.96 -8.78 -19.52
CA LEU A 438 15.09 -7.86 -19.35
C LEU A 438 15.35 -7.58 -17.87
N GLY A 439 14.29 -7.29 -17.11
CA GLY A 439 14.46 -7.08 -15.68
C GLY A 439 15.05 -8.29 -14.98
N MET A 440 14.62 -9.51 -15.36
CA MET A 440 15.17 -10.69 -14.70
C MET A 440 16.63 -10.92 -15.07
N LYS A 441 17.05 -10.54 -16.29
CA LYS A 441 18.46 -10.69 -16.67
C LYS A 441 19.38 -9.74 -15.89
N SER A 442 18.83 -8.66 -15.35
CA SER A 442 19.61 -7.62 -14.68
C SER A 442 20.16 -8.10 -13.34
N VAL A 443 21.12 -7.31 -12.82
CA VAL A 443 21.74 -7.58 -11.53
C VAL A 443 20.87 -7.23 -10.34
N ALA A 444 19.68 -6.65 -10.56
CA ALA A 444 18.79 -6.37 -9.43
C ALA A 444 18.50 -7.65 -8.65
N ARG A 445 18.68 -7.60 -7.33
CA ARG A 445 18.46 -8.80 -6.51
C ARG A 445 17.02 -9.27 -6.60
N LEU A 446 16.07 -8.33 -6.61
CA LEU A 446 14.65 -8.67 -6.70
C LEU A 446 14.04 -8.06 -7.96
N ALA A 447 13.30 -8.87 -8.69
CA ALA A 447 12.45 -8.42 -9.79
C ALA A 447 11.01 -8.71 -9.39
N VAL A 448 10.18 -7.67 -9.33
CA VAL A 448 8.78 -7.78 -8.90
C VAL A 448 7.88 -7.20 -9.99
N TYR A 449 6.89 -7.98 -10.42
CA TYR A 449 6.09 -7.60 -11.56
C TYR A 449 4.60 -7.60 -11.24
N PRO A 450 3.88 -6.58 -11.72
CA PRO A 450 2.42 -6.62 -11.59
C PRO A 450 1.83 -7.80 -12.34
N VAL A 451 0.79 -8.39 -11.76
CA VAL A 451 0.18 -9.56 -12.38
C VAL A 451 -0.43 -9.19 -13.73
N GLN A 452 -0.84 -7.94 -13.93
CA GLN A 452 -1.38 -7.55 -15.24
C GLN A 452 -0.36 -7.78 -16.35
N ASP A 453 0.93 -7.66 -16.05
CA ASP A 453 1.95 -7.87 -17.07
C ASP A 453 2.24 -9.35 -17.29
N VAL A 454 2.09 -10.19 -16.27
CA VAL A 454 2.13 -11.64 -16.49
C VAL A 454 1.06 -12.05 -17.50
N LEU A 455 -0.11 -11.42 -17.43
CA LEU A 455 -1.24 -11.70 -18.31
C LEU A 455 -1.22 -10.88 -19.60
N ALA A 456 -0.27 -9.96 -19.74
CA ALA A 456 -0.16 -9.07 -20.91
C ALA A 456 -1.49 -8.36 -21.21
N LEU A 457 -2.09 -7.81 -20.15
CA LEU A 457 -3.32 -7.05 -20.30
C LEU A 457 -3.04 -5.62 -20.70
N GLY A 458 -4.01 -5.01 -21.38
CA GLY A 458 -3.92 -3.63 -21.80
C GLY A 458 -4.37 -2.66 -20.72
N SER A 459 -4.51 -1.40 -21.14
CA SER A 459 -4.81 -0.31 -20.22
C SER A 459 -6.11 -0.50 -19.44
N GLU A 460 -7.02 -1.35 -19.92
CA GLU A 460 -8.24 -1.58 -19.16
C GLU A 460 -7.97 -2.16 -17.78
N ALA A 461 -6.77 -2.70 -17.57
CA ALA A 461 -6.38 -3.32 -16.29
C ALA A 461 -5.44 -2.44 -15.48
N ARG A 462 -5.30 -1.16 -15.83
CA ARG A 462 -4.47 -0.25 -15.06
C ARG A 462 -5.04 -0.08 -13.66
N MET A 463 -4.17 -0.16 -12.65
CA MET A 463 -4.65 -0.07 -11.27
C MET A 463 -4.99 1.37 -10.90
N ASN A 464 -4.05 2.31 -11.10
CA ASN A 464 -4.30 3.70 -10.79
C ASN A 464 -3.79 4.60 -11.92
N TYR A 465 -4.58 5.63 -12.23
CA TYR A 465 -4.27 6.63 -13.23
C TYR A 465 -4.21 7.98 -12.51
N PRO A 466 -3.03 8.39 -12.05
CA PRO A 466 -2.95 9.60 -11.22
C PRO A 466 -3.56 10.81 -11.95
N GLY A 467 -4.33 11.59 -11.20
CA GLY A 467 -5.05 12.71 -11.75
C GLY A 467 -6.44 12.39 -12.26
N ARG A 468 -6.73 11.12 -12.51
CA ARG A 468 -8.06 10.71 -12.96
CA ARG A 468 -8.06 10.71 -12.96
C ARG A 468 -8.97 10.52 -11.77
N PRO A 469 -10.10 11.23 -11.66
CA PRO A 469 -10.93 11.08 -10.45
C PRO A 469 -11.42 9.66 -10.19
N SER A 470 -12.02 9.01 -11.18
CA SER A 470 -12.78 7.79 -10.97
C SER A 470 -12.13 6.60 -11.69
N GLY A 471 -12.61 5.41 -11.34
CA GLY A 471 -12.18 4.19 -11.98
C GLY A 471 -10.92 3.57 -11.43
N ASN A 472 -10.37 4.08 -10.32
CA ASN A 472 -9.08 3.61 -9.84
C ASN A 472 -9.21 2.56 -8.74
N TRP A 473 -8.13 1.80 -8.58
CA TRP A 473 -7.98 0.78 -7.55
C TRP A 473 -8.98 -0.37 -7.71
N ALA A 474 -9.48 -0.59 -8.93
CA ALA A 474 -10.65 -1.41 -9.15
C ALA A 474 -10.42 -2.66 -9.98
N TRP A 475 -9.29 -2.79 -10.67
CA TRP A 475 -9.07 -3.98 -11.49
C TRP A 475 -9.05 -5.23 -10.63
N ARG A 476 -9.66 -6.30 -11.14
CA ARG A 476 -9.63 -7.61 -10.50
C ARG A 476 -9.33 -8.70 -11.51
N LEU A 477 -8.61 -9.72 -11.04
CA LEU A 477 -8.48 -10.99 -11.75
C LEU A 477 -9.83 -11.66 -11.93
N LEU A 478 -9.96 -12.42 -13.03
CA LEU A 478 -11.09 -13.33 -13.19
C LEU A 478 -10.69 -14.73 -12.73
N PRO A 479 -11.65 -15.54 -12.29
CA PRO A 479 -11.32 -16.90 -11.85
C PRO A 479 -10.61 -17.67 -12.96
N GLY A 480 -9.47 -18.27 -12.61
CA GLY A 480 -8.71 -19.08 -13.53
C GLY A 480 -7.90 -18.33 -14.55
N GLU A 481 -7.93 -16.99 -14.52
CA GLU A 481 -7.20 -16.20 -15.50
C GLU A 481 -5.70 -16.42 -15.38
N LEU A 482 -5.19 -16.42 -14.15
CA LEU A 482 -3.78 -16.69 -13.89
C LEU A 482 -3.61 -18.21 -13.82
N SER A 483 -3.04 -18.80 -14.89
CA SER A 483 -3.09 -20.25 -15.09
C SER A 483 -1.76 -20.89 -14.73
N PRO A 484 -1.74 -22.23 -14.58
CA PRO A 484 -0.46 -22.91 -14.31
C PRO A 484 0.56 -22.73 -15.42
N GLU A 485 0.12 -22.51 -16.66
CA GLU A 485 1.06 -22.24 -17.74
C GLU A 485 1.78 -20.92 -17.53
N HIS A 486 1.07 -19.87 -17.09
CA HIS A 486 1.74 -18.63 -16.74
C HIS A 486 2.81 -18.87 -15.68
N GLY A 487 2.49 -19.69 -14.68
CA GLY A 487 3.44 -19.96 -13.62
C GLY A 487 4.67 -20.71 -14.10
N ALA A 488 4.46 -21.71 -14.98
CA ALA A 488 5.59 -22.48 -15.48
C ALA A 488 6.50 -21.60 -16.34
N ARG A 489 5.92 -20.67 -17.09
CA ARG A 489 6.72 -19.76 -17.90
CA ARG A 489 6.72 -19.75 -17.90
C ARG A 489 7.55 -18.84 -17.02
N LEU A 490 6.97 -18.33 -15.93
CA LEU A 490 7.73 -17.53 -14.98
C LEU A 490 8.87 -18.35 -14.38
N ARG A 491 8.58 -19.60 -13.99
CA ARG A 491 9.61 -20.41 -13.37
C ARG A 491 10.77 -20.66 -14.32
N ALA A 492 10.46 -20.88 -15.60
CA ALA A 492 11.53 -21.11 -16.58
C ALA A 492 12.39 -19.87 -16.75
N MET A 493 11.77 -18.68 -16.76
CA MET A 493 12.52 -17.43 -16.84
C MET A 493 13.37 -17.20 -15.60
N ALA A 494 12.82 -17.54 -14.43
CA ALA A 494 13.60 -17.44 -13.20
C ALA A 494 14.78 -18.42 -13.21
N GLU A 495 14.57 -19.63 -13.72
CA GLU A 495 15.68 -20.58 -13.78
C GLU A 495 16.78 -20.06 -14.68
N ALA A 496 16.39 -19.48 -15.82
CA ALA A 496 17.34 -19.02 -16.82
C ALA A 496 18.17 -17.84 -16.31
N THR A 497 17.62 -17.06 -15.38
CA THR A 497 18.28 -15.85 -14.88
C THR A 497 18.76 -16.02 -13.44
N GLU A 498 18.84 -17.27 -12.96
CA GLU A 498 19.42 -17.59 -11.65
C GLU A 498 18.67 -16.89 -10.51
N ARG A 499 17.33 -16.98 -10.55
CA ARG A 499 16.47 -16.39 -9.54
C ARG A 499 15.65 -17.41 -8.76
N LEU A 500 15.95 -18.70 -8.87
CA LEU A 500 15.23 -19.70 -8.08
C LEU A 500 15.96 -20.00 -6.79
#